data_6T12
#
_entry.id   6T12
#
_cell.length_a   39.947
_cell.length_b   103.461
_cell.length_c   42.467
_cell.angle_alpha   90.000
_cell.angle_beta   105.170
_cell.angle_gamma   90.000
#
_symmetry.space_group_name_H-M   'P 1 21 1'
#
loop_
_entity.id
_entity.type
_entity.pdbx_description
1 polymer YTHDC1
2 non-polymer ~{N},2,3-trimethyl-1~{H}-indole-5-carboxamide
3 non-polymer 'SULFATE ION'
4 water water
#
_entity_poly.entity_id   1
_entity_poly.type   'polypeptide(L)'
_entity_poly.pdbx_seq_one_letter_code
;MHHHHHHSSGRENLYFQGTSKLKYVLQDARFFLIKSNNHENVSLAKAKGVWSTLPVNEKKLNLAFRSARSVILIFSVRES
GKFQGFARLSSESHHGGSPIHWVLPAGMSAKMLGGVFKIDWICRRELPFTKSAHLTNPWNEHKPVKIGRDGQEIELECGT
QLCLLFPPDESIDLYQVIHKMRH
;
_entity_poly.pdbx_strand_id   A,B
#
loop_
_chem_comp.id
_chem_comp.type
_chem_comp.name
_chem_comp.formula
M78 non-polymer ~{N},2,3-trimethyl-1~{H}-indole-5-carboxamide 'C12 H14 N2 O'
SO4 non-polymer 'SULFATE ION' 'O4 S -2'
#
# COMPACT_ATOMS: atom_id res chain seq x y z
N GLY A 18 -0.42 -26.67 -1.82
CA GLY A 18 -0.51 -25.97 -0.55
C GLY A 18 0.39 -24.74 -0.49
N THR A 19 0.38 -24.08 0.66
CA THR A 19 1.20 -22.88 0.86
C THR A 19 2.19 -23.01 2.01
N SER A 20 2.29 -24.18 2.66
CA SER A 20 3.07 -24.26 3.89
C SER A 20 4.56 -24.13 3.61
N LYS A 21 5.07 -24.85 2.60
CA LYS A 21 6.48 -24.74 2.28
C LYS A 21 6.84 -23.33 1.82
N LEU A 22 5.94 -22.70 1.04
CA LEU A 22 6.17 -21.32 0.59
C LEU A 22 6.29 -20.39 1.79
N LYS A 23 5.39 -20.53 2.75
CA LYS A 23 5.47 -19.68 3.95
C LYS A 23 6.76 -19.92 4.71
N TYR A 24 7.23 -21.17 4.74
CA TYR A 24 8.50 -21.48 5.40
C TYR A 24 9.66 -20.77 4.72
N VAL A 25 9.68 -20.77 3.39
CA VAL A 25 10.77 -20.16 2.65
C VAL A 25 10.80 -18.66 2.87
N LEU A 26 9.63 -18.04 3.02
CA LEU A 26 9.52 -16.59 3.19
C LEU A 26 9.74 -16.14 4.63
N GLN A 27 9.82 -17.05 5.58
CA GLN A 27 9.94 -16.65 6.98
C GLN A 27 11.25 -15.89 7.19
N ASP A 28 11.13 -14.69 7.76
CA ASP A 28 12.30 -13.85 8.05
C ASP A 28 13.12 -13.53 6.80
N ALA A 29 12.49 -13.56 5.63
CA ALA A 29 13.17 -13.25 4.39
C ALA A 29 13.32 -11.74 4.21
N ARG A 30 14.19 -11.35 3.28
CA ARG A 30 14.24 -9.99 2.77
C ARG A 30 13.78 -10.00 1.31
N PHE A 31 13.24 -8.87 0.87
CA PHE A 31 12.57 -8.78 -0.42
C PHE A 31 13.06 -7.53 -1.15
N PHE A 32 13.33 -7.68 -2.45
CA PHE A 32 13.79 -6.58 -3.28
C PHE A 32 13.01 -6.52 -4.58
N LEU A 33 12.54 -5.34 -4.95
CA LEU A 33 11.86 -5.11 -6.21
C LEU A 33 12.91 -5.00 -7.31
N ILE A 34 12.77 -5.81 -8.36
CA ILE A 34 13.66 -5.77 -9.51
C ILE A 34 12.86 -5.25 -10.70
N LYS A 35 13.32 -4.16 -11.30
CA LYS A 35 12.63 -3.54 -12.44
C LYS A 35 13.48 -3.76 -13.67
N SER A 36 12.92 -4.45 -14.66
CA SER A 36 13.62 -4.77 -15.90
C SER A 36 12.98 -3.98 -17.04
N ASN A 37 13.81 -3.46 -17.94
CA ASN A 37 13.25 -2.64 -18.99
C ASN A 37 12.74 -3.43 -20.18
N ASN A 38 12.91 -4.75 -20.19
CA ASN A 38 12.34 -5.55 -21.27
C ASN A 38 12.01 -6.96 -20.79
N HIS A 39 11.07 -7.60 -21.50
CA HIS A 39 10.67 -8.96 -21.16
C HIS A 39 11.77 -9.96 -21.44
N GLU A 40 12.64 -9.69 -22.43
CA GLU A 40 13.64 -10.68 -22.83
C GLU A 40 14.59 -11.03 -21.69
N ASN A 41 14.95 -10.05 -20.87
CA ASN A 41 15.89 -10.33 -19.78
C ASN A 41 15.24 -11.16 -18.68
N VAL A 42 13.96 -10.91 -18.39
CA VAL A 42 13.24 -11.76 -17.44
C VAL A 42 13.09 -13.17 -17.97
N SER A 43 12.82 -13.32 -19.26
CA SER A 43 12.72 -14.67 -19.82
C SER A 43 14.05 -15.40 -19.72
N LEU A 44 15.15 -14.71 -19.98
CA LEU A 44 16.46 -15.32 -19.84
C LEU A 44 16.72 -15.72 -18.39
N ALA A 45 16.34 -14.85 -17.44
CA ALA A 45 16.49 -15.17 -16.03
C ALA A 45 15.67 -16.41 -15.65
N LYS A 46 14.46 -16.52 -16.20
CA LYS A 46 13.61 -17.68 -15.93
C LYS A 46 14.19 -18.95 -16.54
N ALA A 47 14.81 -18.85 -17.71
CA ALA A 47 15.36 -20.03 -18.37
C ALA A 47 16.66 -20.49 -17.73
N LYS A 48 17.50 -19.55 -17.30
CA LYS A 48 18.86 -19.87 -16.88
C LYS A 48 19.09 -19.79 -15.38
N GLY A 49 18.14 -19.24 -14.61
CA GLY A 49 18.31 -19.17 -13.17
C GLY A 49 19.39 -18.20 -12.74
N VAL A 50 19.46 -17.03 -13.38
CA VAL A 50 20.51 -16.06 -13.12
C VAL A 50 19.91 -14.66 -13.17
N TRP A 51 20.59 -13.72 -12.50
CA TRP A 51 20.29 -12.30 -12.62
C TRP A 51 21.58 -11.51 -12.46
N SER A 52 21.63 -10.36 -13.13
CA SER A 52 22.71 -9.40 -12.98
C SER A 52 22.10 -8.01 -12.86
N THR A 53 22.74 -7.16 -12.05
CA THR A 53 22.26 -5.80 -11.84
C THR A 53 23.45 -4.85 -11.79
N LEU A 54 23.14 -3.55 -11.70
CA LEU A 54 24.19 -2.54 -11.63
C LEU A 54 24.90 -2.60 -10.27
N PRO A 55 26.16 -2.13 -10.22
CA PRO A 55 26.96 -2.31 -8.99
C PRO A 55 26.31 -1.81 -7.70
N VAL A 56 25.58 -0.68 -7.73
CA VAL A 56 24.98 -0.19 -6.49
C VAL A 56 24.00 -1.22 -5.92
N ASN A 57 23.25 -1.89 -6.79
CA ASN A 57 22.32 -2.91 -6.32
C ASN A 57 23.03 -4.23 -6.06
N GLU A 58 24.08 -4.53 -6.81
CA GLU A 58 24.84 -5.75 -6.57
C GLU A 58 25.41 -5.77 -5.16
N LYS A 59 25.96 -4.63 -4.72
CA LYS A 59 26.52 -4.55 -3.37
C LYS A 59 25.43 -4.76 -2.31
N LYS A 60 24.25 -4.17 -2.53
CA LYS A 60 23.16 -4.34 -1.56
CA LYS A 60 23.16 -4.34 -1.57
C LYS A 60 22.68 -5.78 -1.50
N LEU A 61 22.56 -6.45 -2.65
CA LEU A 61 22.09 -7.82 -2.66
C LEU A 61 23.09 -8.77 -2.02
N ASN A 62 24.39 -8.53 -2.23
CA ASN A 62 25.40 -9.37 -1.60
C ASN A 62 25.38 -9.21 -0.08
N LEU A 63 25.22 -7.97 0.40
CA LEU A 63 25.06 -7.77 1.84
C LEU A 63 23.84 -8.50 2.37
N ALA A 64 22.71 -8.39 1.66
CA ALA A 64 21.48 -9.03 2.11
C ALA A 64 21.61 -10.54 2.11
N PHE A 65 22.29 -11.10 1.10
CA PHE A 65 22.42 -12.55 1.01
C PHE A 65 23.09 -13.14 2.25
N ARG A 66 24.08 -12.43 2.79
CA ARG A 66 24.75 -12.89 4.01
C ARG A 66 23.92 -12.63 5.26
N SER A 67 22.89 -11.79 5.18
CA SER A 67 22.18 -11.29 6.35
C SER A 67 20.91 -12.05 6.69
N ALA A 68 20.37 -12.82 5.76
CA ALA A 68 19.03 -13.36 5.92
C ALA A 68 18.97 -14.77 5.38
N ARG A 69 18.00 -15.53 5.90
CA ARG A 69 17.83 -16.92 5.49
C ARG A 69 17.43 -17.04 4.03
N SER A 70 16.65 -16.08 3.52
CA SER A 70 16.24 -16.03 2.13
C SER A 70 16.21 -14.59 1.67
N VAL A 71 16.73 -14.35 0.47
CA VAL A 71 16.62 -13.05 -0.19
C VAL A 71 15.78 -13.26 -1.45
N ILE A 72 14.65 -12.57 -1.54
CA ILE A 72 13.65 -12.78 -2.58
C ILE A 72 13.68 -11.59 -3.51
N LEU A 73 13.87 -11.85 -4.81
CA LEU A 73 13.74 -10.84 -5.87
C LEU A 73 12.35 -10.97 -6.49
N ILE A 74 11.62 -9.86 -6.55
CA ILE A 74 10.30 -9.79 -7.15
C ILE A 74 10.40 -8.96 -8.41
N PHE A 75 10.12 -9.56 -9.56
CA PHE A 75 10.43 -8.98 -10.86
C PHE A 75 9.24 -8.25 -11.47
N SER A 76 9.50 -7.07 -12.04
CA SER A 76 8.50 -6.35 -12.83
C SER A 76 9.15 -5.76 -14.07
N VAL A 77 8.56 -6.07 -15.22
CA VAL A 77 8.99 -5.47 -16.49
C VAL A 77 8.31 -4.12 -16.63
N ARG A 78 9.09 -3.08 -16.90
CA ARG A 78 8.55 -1.73 -16.92
C ARG A 78 7.51 -1.59 -18.02
N GLU A 79 6.45 -0.84 -17.71
CA GLU A 79 5.28 -0.59 -18.55
C GLU A 79 4.39 -1.81 -18.74
N SER A 80 4.73 -2.96 -18.16
CA SER A 80 3.88 -4.14 -18.29
C SER A 80 2.65 -4.08 -17.38
N GLY A 81 2.70 -3.29 -16.31
CA GLY A 81 1.59 -3.29 -15.38
C GLY A 81 1.47 -4.54 -14.53
N LYS A 82 2.53 -5.36 -14.48
CA LYS A 82 2.48 -6.63 -13.78
C LYS A 82 3.84 -6.93 -13.16
N PHE A 83 3.82 -7.83 -12.17
CA PHE A 83 5.00 -8.58 -11.77
C PHE A 83 5.05 -9.88 -12.56
N GLN A 84 6.27 -10.34 -12.89
CA GLN A 84 6.42 -11.56 -13.69
C GLN A 84 6.81 -12.78 -12.88
N GLY A 85 6.98 -12.66 -11.57
CA GLY A 85 7.34 -13.78 -10.75
C GLY A 85 8.30 -13.37 -9.66
N PHE A 86 8.77 -14.34 -8.87
CA PHE A 86 9.74 -14.07 -7.83
C PHE A 86 10.65 -15.28 -7.64
N ALA A 87 11.85 -15.00 -7.12
CA ALA A 87 12.91 -16.00 -7.04
C ALA A 87 13.77 -15.73 -5.81
N ARG A 88 14.47 -16.75 -5.35
CA ARG A 88 15.33 -16.65 -4.18
C ARG A 88 16.79 -16.70 -4.60
N LEU A 89 17.61 -15.77 -4.09
CA LEU A 89 19.06 -15.84 -4.34
C LEU A 89 19.61 -17.15 -3.79
N SER A 90 20.37 -17.88 -4.60
CA SER A 90 21.09 -19.04 -4.11
C SER A 90 22.59 -18.81 -3.98
N SER A 91 23.10 -17.65 -4.41
CA SER A 91 24.50 -17.32 -4.27
C SER A 91 24.68 -15.81 -4.25
N GLU A 92 25.84 -15.37 -3.76
CA GLU A 92 26.30 -14.00 -4.02
C GLU A 92 26.66 -13.87 -5.50
N SER A 93 26.97 -12.65 -5.92
CA SER A 93 27.37 -12.44 -7.32
C SER A 93 28.76 -13.01 -7.57
N HIS A 94 28.97 -13.52 -8.78
CA HIS A 94 30.26 -14.05 -9.18
C HIS A 94 30.54 -13.67 -10.63
N HIS A 95 31.81 -13.45 -10.94
CA HIS A 95 32.21 -13.01 -12.27
C HIS A 95 32.84 -14.15 -13.07
N SER A 98 29.27 -19.09 -17.37
CA SER A 98 29.26 -18.59 -18.74
C SER A 98 28.60 -17.21 -18.80
N PRO A 99 28.90 -16.45 -19.85
CA PRO A 99 28.25 -15.15 -20.03
C PRO A 99 26.78 -15.30 -20.39
N ILE A 100 26.10 -14.15 -20.45
CA ILE A 100 24.66 -14.09 -20.67
C ILE A 100 24.37 -12.98 -21.67
N HIS A 101 23.58 -13.30 -22.69
CA HIS A 101 23.30 -12.34 -23.77
C HIS A 101 22.11 -11.45 -23.41
N TRP A 102 22.29 -10.69 -22.32
CA TRP A 102 21.27 -9.73 -21.91
C TRP A 102 21.01 -8.70 -23.03
N VAL A 103 19.81 -8.16 -23.04
CA VAL A 103 19.44 -7.08 -23.95
C VAL A 103 19.40 -5.80 -23.14
N LEU A 104 20.24 -4.84 -23.51
CA LEU A 104 20.49 -3.68 -22.67
C LEU A 104 19.99 -2.40 -23.33
N PRO A 105 19.59 -1.38 -22.54
CA PRO A 105 18.92 -0.19 -23.07
C PRO A 105 19.89 0.88 -23.57
N MET A 108 23.61 1.85 -22.00
CA MET A 108 24.43 0.86 -21.32
C MET A 108 25.39 0.20 -22.30
N SER A 109 26.37 -0.55 -21.79
CA SER A 109 27.45 -1.05 -22.65
C SER A 109 28.04 -2.35 -22.09
N ALA A 110 27.18 -3.27 -21.64
CA ALA A 110 27.56 -4.61 -21.23
C ALA A 110 28.38 -4.65 -19.94
N LYS A 111 29.57 -4.05 -19.95
CA LYS A 111 30.46 -4.09 -18.79
C LYS A 111 30.05 -3.11 -17.70
N MET A 112 28.95 -2.37 -17.86
CA MET A 112 28.42 -1.56 -16.78
C MET A 112 27.70 -2.40 -15.74
N LEU A 113 27.37 -3.65 -16.05
CA LEU A 113 26.77 -4.58 -15.11
C LEU A 113 27.84 -5.20 -14.22
N GLY A 114 27.39 -5.86 -13.15
CA GLY A 114 28.26 -6.51 -12.18
C GLY A 114 28.37 -8.01 -12.42
N GLY A 115 28.50 -8.75 -11.34
CA GLY A 115 28.57 -10.20 -11.40
C GLY A 115 27.20 -10.82 -11.63
N VAL A 116 27.18 -12.15 -11.62
CA VAL A 116 25.98 -12.94 -11.86
C VAL A 116 25.54 -13.60 -10.56
N PHE A 117 24.27 -13.40 -10.19
CA PHE A 117 23.67 -14.10 -9.07
C PHE A 117 22.93 -15.33 -9.57
N LYS A 118 23.12 -16.46 -8.89
CA LYS A 118 22.28 -17.61 -9.16
C LYS A 118 20.98 -17.49 -8.37
N ILE A 119 19.85 -17.85 -8.99
CA ILE A 119 18.55 -17.73 -8.38
C ILE A 119 17.74 -19.00 -8.62
N ASP A 120 16.86 -19.32 -7.66
CA ASP A 120 15.90 -20.41 -7.77
C ASP A 120 14.53 -19.79 -7.84
N TRP A 121 13.82 -20.03 -8.93
CA TRP A 121 12.49 -19.47 -9.09
C TRP A 121 11.54 -20.12 -8.10
N ILE A 122 10.70 -19.30 -7.49
CA ILE A 122 9.64 -19.77 -6.62
C ILE A 122 8.29 -19.69 -7.29
N CYS A 123 8.10 -18.71 -8.19
CA CYS A 123 6.86 -18.54 -8.95
C CYS A 123 7.23 -17.89 -10.27
N ARG A 124 6.87 -18.55 -11.38
CA ARG A 124 7.09 -17.97 -12.71
C ARG A 124 5.81 -17.39 -13.31
N ARG A 125 4.73 -17.28 -12.52
CA ARG A 125 3.47 -16.74 -13.00
C ARG A 125 3.39 -15.25 -12.72
N GLU A 126 2.60 -14.55 -13.53
CA GLU A 126 2.42 -13.11 -13.42
C GLU A 126 1.40 -12.77 -12.34
N LEU A 127 1.49 -11.53 -11.85
CA LEU A 127 0.50 -10.94 -10.95
C LEU A 127 0.27 -9.49 -11.40
N PRO A 128 -0.95 -9.14 -11.77
CA PRO A 128 -1.20 -7.75 -12.20
C PRO A 128 -1.13 -6.80 -11.01
N PHE A 129 -0.63 -5.59 -11.27
CA PHE A 129 -0.58 -4.56 -10.24
C PHE A 129 -1.95 -4.27 -9.63
N THR A 130 -3.02 -4.48 -10.39
CA THR A 130 -4.37 -4.25 -9.84
C THR A 130 -4.64 -5.10 -8.61
N LYS A 131 -3.99 -6.26 -8.48
CA LYS A 131 -4.21 -7.15 -7.35
C LYS A 131 -3.38 -6.79 -6.11
N SER A 132 -2.38 -5.91 -6.25
CA SER A 132 -1.54 -5.53 -5.12
C SER A 132 -1.79 -4.10 -4.65
N ALA A 133 -2.91 -3.48 -5.08
CA ALA A 133 -3.20 -2.09 -4.77
C ALA A 133 -3.40 -1.85 -3.28
N HIS A 134 -3.69 -2.88 -2.50
CA HIS A 134 -3.86 -2.75 -1.07
C HIS A 134 -2.56 -2.87 -0.29
N LEU A 135 -1.42 -3.06 -0.96
CA LEU A 135 -0.14 -3.27 -0.31
C LEU A 135 0.73 -2.02 -0.48
N THR A 136 1.12 -1.42 0.64
CA THR A 136 2.03 -0.28 0.64
C THR A 136 3.35 -0.69 1.28
N ASN A 137 4.43 -0.07 0.81
CA ASN A 137 5.77 -0.41 1.25
C ASN A 137 6.30 0.68 2.19
N PRO A 138 6.40 0.41 3.49
CA PRO A 138 6.94 1.43 4.43
C PRO A 138 8.32 1.94 4.05
N TRP A 139 9.14 1.13 3.38
CA TRP A 139 10.47 1.57 3.03
C TRP A 139 10.51 2.47 1.79
N ASN A 140 9.38 2.65 1.11
CA ASN A 140 9.28 3.62 0.02
C ASN A 140 8.11 4.56 0.28
N GLU A 141 8.10 5.18 1.46
CA GLU A 141 7.14 6.24 1.82
C GLU A 141 5.68 5.75 1.78
N HIS A 142 5.47 4.44 1.97
CA HIS A 142 4.13 3.85 1.93
C HIS A 142 3.46 4.02 0.59
N LYS A 143 4.24 4.21 -0.48
CA LYS A 143 3.70 4.13 -1.82
C LYS A 143 3.28 2.69 -2.11
N PRO A 144 2.38 2.49 -3.08
CA PRO A 144 1.98 1.12 -3.42
C PRO A 144 3.21 0.33 -3.81
N VAL A 145 3.22 -0.96 -3.45
CA VAL A 145 4.41 -1.79 -3.59
C VAL A 145 4.90 -1.87 -5.03
N LYS A 146 3.99 -1.72 -6.01
CA LYS A 146 4.39 -1.68 -7.42
C LYS A 146 5.32 -0.51 -7.73
N ILE A 147 5.33 0.52 -6.89
CA ILE A 147 6.16 1.70 -7.15
C ILE A 147 7.50 1.53 -6.47
N GLY A 148 8.57 1.72 -7.23
CA GLY A 148 9.89 1.66 -6.65
C GLY A 148 10.97 1.59 -7.70
N ARG A 149 12.14 2.12 -7.38
CA ARG A 149 13.28 1.98 -8.26
C ARG A 149 13.76 0.53 -8.26
N ASP A 150 14.48 0.18 -9.32
CA ASP A 150 15.16 -1.10 -9.37
C ASP A 150 16.03 -1.25 -8.13
N GLY A 151 15.81 -2.33 -7.39
CA GLY A 151 16.55 -2.56 -6.17
C GLY A 151 15.88 -2.09 -4.89
N GLN A 152 14.73 -1.43 -4.97
CA GLN A 152 14.05 -0.97 -3.76
C GLN A 152 13.73 -2.14 -2.84
N GLU A 153 14.17 -2.05 -1.57
CA GLU A 153 13.79 -3.08 -0.61
C GLU A 153 12.32 -2.95 -0.22
N ILE A 154 11.67 -4.10 -0.08
CA ILE A 154 10.28 -4.18 0.36
C ILE A 154 10.25 -4.72 1.78
N GLU A 155 9.60 -3.97 2.67
CA GLU A 155 9.50 -4.38 4.07
C GLU A 155 8.85 -5.76 4.20
N LEU A 156 9.25 -6.49 5.26
CA LEU A 156 8.91 -7.89 5.47
C LEU A 156 7.42 -8.20 5.28
N GLU A 157 6.54 -7.49 5.98
CA GLU A 157 5.12 -7.84 5.93
C GLU A 157 4.56 -7.61 4.53
N CYS A 158 4.90 -6.46 3.93
CA CYS A 158 4.44 -6.16 2.58
C CYS A 158 4.96 -7.19 1.58
N GLY A 159 6.24 -7.54 1.69
CA GLY A 159 6.83 -8.47 0.75
C GLY A 159 6.25 -9.87 0.87
N THR A 160 6.02 -10.31 2.11
CA THR A 160 5.40 -11.60 2.35
C THR A 160 4.00 -11.65 1.75
N GLN A 161 3.20 -10.64 2.03
CA GLN A 161 1.85 -10.63 1.50
C GLN A 161 1.84 -10.54 -0.03
N LEU A 162 2.79 -9.80 -0.61
CA LEU A 162 2.85 -9.69 -2.06
C LEU A 162 3.14 -11.06 -2.67
N CYS A 163 4.11 -11.77 -2.11
CA CYS A 163 4.44 -13.10 -2.63
C CYS A 163 3.26 -14.06 -2.50
N LEU A 164 2.50 -13.96 -1.41
CA LEU A 164 1.36 -14.85 -1.21
C LEU A 164 0.19 -14.56 -2.14
N LEU A 165 0.18 -13.40 -2.81
CA LEU A 165 -0.86 -13.06 -3.77
C LEU A 165 -0.67 -13.73 -5.12
N PHE A 166 0.56 -14.11 -5.46
CA PHE A 166 0.79 -14.69 -6.78
C PHE A 166 0.00 -15.99 -6.93
N PRO A 167 -0.44 -16.30 -8.15
CA PRO A 167 -1.04 -17.61 -8.41
C PRO A 167 -0.06 -18.71 -8.04
N PRO A 168 -0.54 -19.82 -7.50
CA PRO A 168 0.37 -20.95 -7.22
C PRO A 168 1.07 -21.43 -8.50
N ASP A 169 2.35 -21.75 -8.38
CA ASP A 169 3.12 -22.31 -9.50
C ASP A 169 3.33 -23.79 -9.22
N GLU A 170 2.45 -24.62 -9.79
CA GLU A 170 2.50 -26.05 -9.49
CA GLU A 170 2.45 -26.07 -9.56
C GLU A 170 3.65 -26.76 -10.21
N SER A 171 4.41 -26.07 -11.04
CA SER A 171 5.58 -26.70 -11.63
C SER A 171 6.79 -26.71 -10.71
N ILE A 172 6.72 -25.98 -9.59
CA ILE A 172 7.87 -25.77 -8.72
C ILE A 172 7.74 -26.64 -7.47
N ASP A 173 8.86 -27.22 -7.02
CA ASP A 173 8.94 -28.01 -5.79
C ASP A 173 9.93 -27.29 -4.88
N LEU A 174 9.43 -26.74 -3.76
CA LEU A 174 10.28 -25.97 -2.83
C LEU A 174 11.13 -26.84 -1.90
N TYR A 175 11.02 -28.16 -2.00
CA TYR A 175 11.83 -29.04 -1.17
C TYR A 175 13.33 -28.76 -1.34
N GLN A 176 13.80 -28.61 -2.58
N GLN A 176 13.78 -28.77 -2.60
CA GLN A 176 15.25 -28.36 -2.72
CA GLN A 176 15.06 -28.22 -3.03
C GLN A 176 15.66 -26.98 -2.19
C GLN A 176 14.86 -26.73 -3.24
N VAL A 177 14.72 -26.04 -2.11
CA VAL A 177 15.04 -24.64 -1.83
C VAL A 177 15.19 -24.59 -0.32
N ILE A 178 14.31 -25.33 0.37
CA ILE A 178 14.36 -25.41 1.82
C ILE A 178 15.71 -25.91 2.30
N HIS A 179 16.28 -26.88 1.58
CA HIS A 179 17.56 -27.46 1.98
C HIS A 179 18.72 -26.50 1.79
N LYS A 180 18.58 -25.50 0.92
CA LYS A 180 19.62 -24.49 0.75
C LYS A 180 19.59 -23.44 1.86
N MET A 181 18.49 -23.33 2.58
CA MET A 181 18.41 -22.41 3.71
C MET A 181 19.25 -22.90 4.89
N GLY B 18 -24.70 7.76 -11.45
CA GLY B 18 -25.69 8.54 -10.75
C GLY B 18 -25.41 8.63 -9.27
N THR B 19 -26.13 9.50 -8.56
CA THR B 19 -25.83 9.81 -7.17
C THR B 19 -26.81 9.20 -6.17
N SER B 20 -27.75 8.36 -6.64
CA SER B 20 -28.76 7.81 -5.73
C SER B 20 -28.13 7.01 -4.60
N LYS B 21 -27.17 6.16 -4.93
CA LYS B 21 -26.54 5.32 -3.91
C LYS B 21 -25.83 6.18 -2.86
N LEU B 22 -25.01 7.12 -3.31
CA LEU B 22 -24.25 7.92 -2.36
C LEU B 22 -25.17 8.79 -1.51
N LYS B 23 -26.22 9.36 -2.11
CA LYS B 23 -27.16 10.14 -1.33
C LYS B 23 -27.83 9.29 -0.25
N TYR B 24 -28.12 8.02 -0.56
CA TYR B 24 -28.68 7.13 0.44
C TYR B 24 -27.69 6.90 1.59
N VAL B 25 -26.42 6.65 1.26
CA VAL B 25 -25.42 6.45 2.31
C VAL B 25 -25.33 7.68 3.21
N LEU B 26 -25.51 8.88 2.66
CA LEU B 26 -25.31 10.13 3.38
C LEU B 26 -26.58 10.71 4.04
N GLN B 27 -27.75 10.06 3.89
CA GLN B 27 -29.02 10.70 4.26
C GLN B 27 -29.07 11.12 5.72
N ASP B 28 -28.53 10.30 6.61
CA ASP B 28 -28.44 10.64 8.04
C ASP B 28 -26.98 10.46 8.39
N ALA B 29 -26.17 11.46 8.09
CA ALA B 29 -24.73 11.32 8.29
C ALA B 29 -24.17 12.47 9.11
N ARG B 30 -23.12 12.15 9.84
CA ARG B 30 -22.25 13.16 10.44
C ARG B 30 -20.93 13.14 9.70
N PHE B 31 -20.28 14.31 9.62
CA PHE B 31 -19.07 14.51 8.82
C PHE B 31 -18.00 15.16 9.66
N PHE B 32 -16.78 14.65 9.55
CA PHE B 32 -15.64 15.21 10.27
C PHE B 32 -14.48 15.44 9.33
N LEU B 33 -13.91 16.63 9.41
CA LEU B 33 -12.70 16.96 8.67
C LEU B 33 -11.51 16.34 9.38
N ILE B 34 -10.72 15.56 8.67
CA ILE B 34 -9.48 14.97 9.18
C ILE B 34 -8.33 15.70 8.51
N LYS B 35 -7.51 16.38 9.30
CA LYS B 35 -6.32 17.05 8.79
C LYS B 35 -5.13 16.22 9.24
N SER B 36 -4.30 15.82 8.29
CA SER B 36 -3.17 14.97 8.59
C SER B 36 -1.89 15.67 8.15
N ASN B 37 -0.86 15.58 8.97
CA ASN B 37 0.41 16.22 8.69
C ASN B 37 1.39 15.30 7.98
N ASN B 38 0.95 14.11 7.56
CA ASN B 38 1.85 13.19 6.88
C ASN B 38 1.06 12.37 5.87
N HIS B 39 1.33 12.65 4.58
CA HIS B 39 0.70 11.91 3.48
C HIS B 39 0.90 10.40 3.59
N GLU B 40 2.02 9.95 4.20
CA GLU B 40 2.26 8.52 4.31
C GLU B 40 1.17 7.84 5.12
N ASN B 41 0.66 8.50 6.16
CA ASN B 41 -0.36 7.88 6.98
C ASN B 41 -1.71 7.82 6.26
N VAL B 42 -1.99 8.79 5.39
CA VAL B 42 -3.18 8.70 4.57
C VAL B 42 -3.06 7.56 3.57
N SER B 43 -1.87 7.37 3.00
CA SER B 43 -1.65 6.23 2.11
C SER B 43 -1.88 4.91 2.84
N LEU B 44 -1.33 4.78 4.04
CA LEU B 44 -1.56 3.57 4.83
C LEU B 44 -3.04 3.38 5.12
N ALA B 45 -3.73 4.45 5.52
CA ALA B 45 -5.15 4.37 5.85
C ALA B 45 -5.98 3.95 4.64
N LYS B 46 -5.63 4.47 3.46
CA LYS B 46 -6.33 4.12 2.23
C LYS B 46 -6.17 2.65 1.87
N ALA B 47 -4.99 2.09 2.11
CA ALA B 47 -4.74 0.71 1.72
C ALA B 47 -5.37 -0.27 2.71
N LYS B 48 -5.30 0.02 4.00
CA LYS B 48 -5.70 -0.94 5.03
C LYS B 48 -7.11 -0.68 5.58
N GLY B 49 -7.71 0.46 5.26
CA GLY B 49 -9.05 0.76 5.73
C GLY B 49 -9.11 0.96 7.24
N VAL B 50 -8.20 1.78 7.77
CA VAL B 50 -8.08 2.03 9.21
C VAL B 50 -7.75 3.50 9.43
N TRP B 51 -8.11 3.99 10.61
CA TRP B 51 -7.69 5.32 11.06
C TRP B 51 -7.55 5.31 12.58
N SER B 52 -6.64 6.14 13.08
CA SER B 52 -6.52 6.41 14.51
C SER B 52 -6.29 7.91 14.68
N THR B 53 -6.68 8.44 15.84
CA THR B 53 -6.53 9.87 16.09
C THR B 53 -6.30 10.08 17.58
N LEU B 54 -6.06 11.33 17.97
CA LEU B 54 -5.78 11.66 19.37
C LEU B 54 -7.07 11.61 20.20
N PRO B 55 -6.95 11.57 21.54
CA PRO B 55 -8.11 11.19 22.36
C PRO B 55 -9.35 12.04 22.20
N VAL B 56 -9.23 13.37 22.06
CA VAL B 56 -10.40 14.22 21.98
C VAL B 56 -11.23 13.84 20.76
N ASN B 57 -10.58 13.66 19.62
CA ASN B 57 -11.31 13.29 18.42
C ASN B 57 -11.71 11.82 18.43
N GLU B 58 -10.94 10.95 19.09
CA GLU B 58 -11.36 9.56 19.19
C GLU B 58 -12.70 9.45 19.92
N LYS B 59 -12.84 10.20 21.02
CA LYS B 59 -14.10 10.19 21.77
C LYS B 59 -15.24 10.78 20.95
N LYS B 60 -14.96 11.88 20.25
CA LYS B 60 -15.98 12.48 19.40
C LYS B 60 -16.49 11.51 18.35
N LEU B 61 -15.58 10.76 17.73
CA LEU B 61 -15.99 9.85 16.65
C LEU B 61 -16.75 8.64 17.19
N ASN B 62 -16.37 8.15 18.37
CA ASN B 62 -17.09 7.03 18.96
C ASN B 62 -18.52 7.42 19.32
N LEU B 63 -18.70 8.61 19.90
CA LEU B 63 -20.05 9.10 20.15
C LEU B 63 -20.84 9.24 18.86
N ALA B 64 -20.20 9.77 17.82
CA ALA B 64 -20.89 10.00 16.56
C ALA B 64 -21.31 8.68 15.94
N PHE B 65 -20.45 7.66 16.05
CA PHE B 65 -20.77 6.36 15.44
C PHE B 65 -22.08 5.80 15.97
N ARG B 66 -22.40 6.10 17.23
CA ARG B 66 -23.63 5.63 17.88
C ARG B 66 -24.82 6.56 17.62
N SER B 67 -24.60 7.74 17.05
CA SER B 67 -25.63 8.77 16.95
C SER B 67 -26.16 8.97 15.54
N ALA B 68 -25.55 8.36 14.53
CA ALA B 68 -25.94 8.62 13.15
C ALA B 68 -25.80 7.34 12.34
N ARG B 69 -26.59 7.26 11.27
CA ARG B 69 -26.55 6.10 10.40
C ARG B 69 -25.20 5.95 9.71
N SER B 70 -24.52 7.06 9.44
CA SER B 70 -23.18 7.05 8.84
C SER B 70 -22.34 8.15 9.45
N VAL B 71 -21.07 7.84 9.70
CA VAL B 71 -20.07 8.83 10.10
C VAL B 71 -18.99 8.87 9.03
N ILE B 72 -18.79 10.03 8.42
CA ILE B 72 -17.92 10.22 7.28
C ILE B 72 -16.70 11.02 7.71
N LEU B 73 -15.52 10.53 7.36
CA LEU B 73 -14.27 11.24 7.55
C LEU B 73 -13.83 11.77 6.19
N ILE B 74 -13.58 13.08 6.10
CA ILE B 74 -13.12 13.72 4.87
C ILE B 74 -11.68 14.18 5.10
N PHE B 75 -10.75 13.61 4.33
CA PHE B 75 -9.32 13.74 4.62
C PHE B 75 -8.65 14.85 3.84
N SER B 76 -7.79 15.60 4.51
CA SER B 76 -6.96 16.60 3.85
C SER B 76 -5.56 16.60 4.46
N VAL B 77 -4.56 16.39 3.62
CA VAL B 77 -3.16 16.48 4.02
C VAL B 77 -2.75 17.94 4.02
N ARG B 78 -2.20 18.41 5.14
CA ARG B 78 -1.87 19.82 5.23
C ARG B 78 -0.81 20.22 4.21
N GLU B 79 -0.96 21.43 3.68
CA GLU B 79 -0.17 22.06 2.63
C GLU B 79 -0.41 21.46 1.25
N SER B 80 -1.30 20.47 1.12
CA SER B 80 -1.54 19.89 -0.18
C SER B 80 -2.49 20.71 -1.03
N GLY B 81 -3.29 21.59 -0.42
CA GLY B 81 -4.30 22.31 -1.17
C GLY B 81 -5.46 21.45 -1.67
N LYS B 82 -5.62 20.24 -1.14
CA LYS B 82 -6.61 19.31 -1.64
C LYS B 82 -7.17 18.47 -0.51
N PHE B 83 -8.34 17.90 -0.75
CA PHE B 83 -8.81 16.73 -0.01
C PHE B 83 -8.34 15.49 -0.75
N GLN B 84 -8.03 14.43 0.00
CA GLN B 84 -7.53 13.19 -0.60
C GLN B 84 -8.57 12.08 -0.68
N GLY B 85 -9.77 12.31 -0.16
CA GLY B 85 -10.82 11.30 -0.25
C GLY B 85 -11.71 11.35 0.97
N PHE B 86 -12.66 10.41 1.01
CA PHE B 86 -13.53 10.32 2.17
C PHE B 86 -13.94 8.88 2.43
N ALA B 87 -14.26 8.58 3.69
CA ALA B 87 -14.49 7.21 4.14
C ALA B 87 -15.57 7.20 5.20
N ARG B 88 -16.21 6.05 5.37
CA ARG B 88 -17.26 5.85 6.36
C ARG B 88 -16.77 4.92 7.46
N LEU B 89 -16.96 5.31 8.73
CA LEU B 89 -16.66 4.42 9.84
C LEU B 89 -17.51 3.17 9.75
N SER B 90 -16.87 2.00 9.87
CA SER B 90 -17.61 0.75 10.03
C SER B 90 -17.54 0.23 11.45
N SER B 91 -16.78 0.87 12.33
CA SER B 91 -16.67 0.44 13.71
C SER B 91 -16.34 1.65 14.58
N GLU B 92 -16.63 1.53 15.88
CA GLU B 92 -15.99 2.37 16.86
C GLU B 92 -14.50 2.01 16.94
N SER B 93 -13.73 2.83 17.64
CA SER B 93 -12.33 2.48 17.81
C SER B 93 -12.20 1.25 18.70
N HIS B 94 -11.18 0.45 18.45
CA HIS B 94 -10.98 -0.78 19.19
CA HIS B 94 -10.98 -0.81 19.14
C HIS B 94 -9.50 -0.98 19.46
N HIS B 95 -9.20 -1.45 20.66
CA HIS B 95 -7.83 -1.70 21.08
C HIS B 95 -7.53 -3.19 21.03
N GLY B 96 -6.23 -3.51 20.98
CA GLY B 96 -5.80 -4.89 21.03
C GLY B 96 -5.99 -5.67 19.76
N GLY B 97 -6.28 -5.02 18.64
CA GLY B 97 -6.36 -5.67 17.35
C GLY B 97 -5.01 -5.74 16.68
N SER B 98 -5.04 -6.01 15.38
CA SER B 98 -3.82 -6.03 14.58
C SER B 98 -3.18 -4.64 14.64
N PRO B 99 -1.92 -4.54 15.08
CA PRO B 99 -1.31 -3.22 15.21
C PRO B 99 -1.08 -2.55 13.86
N ILE B 100 -1.39 -1.26 13.79
CA ILE B 100 -1.14 -0.45 12.60
C ILE B 100 0.13 0.37 12.85
N HIS B 101 1.09 0.26 11.94
CA HIS B 101 2.39 0.91 12.16
C HIS B 101 2.42 2.28 11.49
N TRP B 102 1.68 3.21 12.11
CA TRP B 102 1.67 4.59 11.64
C TRP B 102 3.06 5.18 11.69
N VAL B 103 3.33 6.13 10.79
CA VAL B 103 4.52 6.96 10.86
C VAL B 103 4.27 8.05 11.91
N LEU B 104 4.97 7.96 13.03
CA LEU B 104 4.67 8.82 14.15
C LEU B 104 5.49 10.10 14.08
N PRO B 105 4.88 11.24 14.36
CA PRO B 105 5.64 12.50 14.38
C PRO B 105 6.45 12.61 15.66
N ALA B 106 7.30 13.62 15.68
CA ALA B 106 8.19 13.87 16.81
C ALA B 106 7.40 13.95 18.12
N GLY B 107 7.86 13.20 19.13
CA GLY B 107 7.28 13.23 20.44
C GLY B 107 6.12 12.29 20.64
N MET B 108 5.67 11.59 19.61
CA MET B 108 4.50 10.73 19.72
C MET B 108 4.90 9.27 19.81
N SER B 109 4.20 8.53 20.65
CA SER B 109 4.31 7.08 20.76
C SER B 109 3.00 6.45 20.31
N ALA B 110 3.06 5.15 20.04
CA ALA B 110 1.91 4.44 19.48
C ALA B 110 0.69 4.52 20.38
N LYS B 111 0.87 4.40 21.69
CA LYS B 111 -0.27 4.39 22.60
C LYS B 111 -1.05 5.69 22.58
N MET B 112 -0.43 6.79 22.14
CA MET B 112 -1.11 8.08 22.17
C MET B 112 -2.20 8.18 21.12
N LEU B 113 -2.26 7.25 20.17
CA LEU B 113 -3.27 7.23 19.12
C LEU B 113 -4.45 6.33 19.45
N GLY B 114 -4.42 5.65 20.60
CA GLY B 114 -5.62 4.97 21.07
C GLY B 114 -6.05 3.81 20.17
N GLY B 115 -7.35 3.69 19.99
CA GLY B 115 -7.88 2.58 19.24
C GLY B 115 -7.84 2.79 17.74
N VAL B 116 -8.08 1.70 17.02
CA VAL B 116 -8.14 1.72 15.56
C VAL B 116 -9.61 1.72 15.14
N PHE B 117 -9.99 2.69 14.30
CA PHE B 117 -11.28 2.67 13.64
C PHE B 117 -11.15 1.90 12.31
N LYS B 118 -12.07 0.97 12.06
CA LYS B 118 -12.20 0.40 10.73
C LYS B 118 -13.03 1.35 9.87
N ILE B 119 -12.56 1.61 8.64
CA ILE B 119 -13.22 2.55 7.75
C ILE B 119 -13.31 1.94 6.36
N ASP B 120 -14.42 2.25 5.67
CA ASP B 120 -14.61 1.87 4.27
C ASP B 120 -14.50 3.13 3.43
N TRP B 121 -13.50 3.18 2.55
CA TRP B 121 -13.33 4.33 1.68
C TRP B 121 -14.45 4.37 0.65
N ILE B 122 -14.96 5.58 0.42
CA ILE B 122 -15.99 5.80 -0.58
C ILE B 122 -15.35 6.45 -1.80
N CYS B 123 -14.34 7.29 -1.59
CA CYS B 123 -13.60 7.86 -2.71
C CYS B 123 -12.18 8.06 -2.24
N ARG B 124 -11.21 7.61 -3.04
CA ARG B 124 -9.80 7.85 -2.76
C ARG B 124 -9.16 8.80 -3.76
N ARG B 125 -9.96 9.47 -4.58
CA ARG B 125 -9.45 10.46 -5.51
C ARG B 125 -9.44 11.85 -4.88
N GLU B 126 -8.55 12.69 -5.38
CA GLU B 126 -8.39 14.03 -4.83
C GLU B 126 -9.48 14.99 -5.30
N LEU B 127 -9.76 15.97 -4.45
CA LEU B 127 -10.61 17.11 -4.80
C LEU B 127 -9.84 18.37 -4.42
N PRO B 128 -9.43 19.21 -5.35
CA PRO B 128 -8.71 20.42 -4.98
C PRO B 128 -9.64 21.42 -4.30
N PHE B 129 -9.06 22.20 -3.38
CA PHE B 129 -9.82 23.25 -2.70
C PHE B 129 -10.43 24.25 -3.69
N THR B 130 -9.82 24.42 -4.86
CA THR B 130 -10.39 25.28 -5.89
C THR B 130 -11.75 24.80 -6.39
N LYS B 131 -12.15 23.57 -6.08
CA LYS B 131 -13.47 23.08 -6.46
C LYS B 131 -14.48 23.12 -5.31
N SER B 132 -14.04 23.45 -4.10
CA SER B 132 -14.93 23.54 -2.95
C SER B 132 -15.05 24.96 -2.41
N ALA B 133 -14.59 25.95 -3.17
CA ALA B 133 -14.51 27.32 -2.67
C ALA B 133 -15.87 27.96 -2.41
N HIS B 134 -16.92 27.41 -3.00
CA HIS B 134 -18.28 27.93 -2.83
C HIS B 134 -18.99 27.35 -1.60
N LEU B 135 -18.37 26.39 -0.90
CA LEU B 135 -19.00 25.71 0.23
C LEU B 135 -18.45 26.22 1.55
N THR B 136 -19.35 26.64 2.44
CA THR B 136 -18.98 27.14 3.76
C THR B 136 -19.67 26.29 4.82
N ASN B 137 -18.98 26.13 5.95
CA ASN B 137 -19.44 25.22 7.00
C ASN B 137 -20.11 26.02 8.10
N PRO B 138 -21.43 25.92 8.27
CA PRO B 138 -22.11 26.71 9.31
C PRO B 138 -21.65 26.41 10.73
N TRP B 139 -21.06 25.24 10.99
CA TRP B 139 -20.59 24.91 12.32
C TRP B 139 -19.13 25.32 12.53
N ASN B 140 -18.55 26.05 11.59
CA ASN B 140 -17.26 26.70 11.76
C ASN B 140 -17.32 28.14 11.27
N GLU B 141 -18.31 28.89 11.77
CA GLU B 141 -18.44 30.32 11.52
C GLU B 141 -18.65 30.66 10.04
N HIS B 142 -19.22 29.70 9.29
CA HIS B 142 -19.51 29.91 7.88
C HIS B 142 -18.24 30.23 7.07
N LYS B 143 -17.09 29.67 7.51
CA LYS B 143 -15.84 29.74 6.76
C LYS B 143 -15.82 28.65 5.68
N PRO B 144 -15.05 28.84 4.61
CA PRO B 144 -14.93 27.79 3.58
C PRO B 144 -14.59 26.45 4.21
N VAL B 145 -15.22 25.40 3.69
CA VAL B 145 -15.18 24.08 4.34
C VAL B 145 -13.77 23.51 4.46
N LYS B 146 -12.84 23.91 3.59
CA LYS B 146 -11.45 23.49 3.71
C LYS B 146 -10.81 23.96 5.01
N ILE B 147 -11.35 24.99 5.64
CA ILE B 147 -10.75 25.56 6.85
C ILE B 147 -11.26 24.80 8.07
N GLY B 148 -10.35 24.31 8.89
CA GLY B 148 -10.74 23.70 10.15
C GLY B 148 -9.62 22.92 10.79
N ARG B 149 -9.67 22.79 12.11
CA ARG B 149 -8.70 21.94 12.81
C ARG B 149 -9.04 20.47 12.56
N ASP B 150 -8.08 19.60 12.84
CA ASP B 150 -8.34 18.17 12.75
C ASP B 150 -9.52 17.81 13.64
N GLY B 151 -10.49 17.09 13.07
CA GLY B 151 -11.71 16.74 13.77
C GLY B 151 -12.86 17.72 13.67
N GLN B 152 -12.70 18.86 13.00
CA GLN B 152 -13.78 19.84 12.89
C GLN B 152 -15.02 19.18 12.30
N GLU B 153 -16.15 19.28 12.99
CA GLU B 153 -17.36 18.70 12.44
C GLU B 153 -17.94 19.58 11.35
N ILE B 154 -18.46 18.94 10.30
CA ILE B 154 -19.06 19.65 9.18
C ILE B 154 -20.57 19.39 9.18
N GLU B 155 -21.34 20.47 9.12
CA GLU B 155 -22.80 20.37 9.12
C GLU B 155 -23.29 19.54 7.92
N LEU B 156 -24.44 18.86 8.13
CA LEU B 156 -24.96 17.84 7.23
C LEU B 156 -25.00 18.28 5.76
N GLU B 157 -25.66 19.41 5.46
CA GLU B 157 -25.81 19.78 4.05
C GLU B 157 -24.46 20.14 3.43
N CYS B 158 -23.62 20.88 4.17
CA CYS B 158 -22.29 21.21 3.68
C CYS B 158 -21.47 19.95 3.41
N GLY B 159 -21.48 19.01 4.36
CA GLY B 159 -20.71 17.79 4.18
C GLY B 159 -21.21 16.95 3.03
N THR B 160 -22.54 16.90 2.85
CA THR B 160 -23.12 16.15 1.75
C THR B 160 -22.69 16.74 0.41
N GLN B 161 -22.82 18.07 0.26
CA GLN B 161 -22.40 18.69 -0.99
C GLN B 161 -20.91 18.52 -1.23
N LEU B 162 -20.09 18.57 -0.17
CA LEU B 162 -18.65 18.38 -0.35
C LEU B 162 -18.37 16.98 -0.89
N CYS B 163 -19.00 15.96 -0.29
CA CYS B 163 -18.80 14.59 -0.74
C CYS B 163 -19.25 14.41 -2.19
N LEU B 164 -20.33 15.09 -2.59
CA LEU B 164 -20.83 14.97 -3.95
C LEU B 164 -19.92 15.62 -4.99
N LEU B 165 -19.00 16.51 -4.56
CA LEU B 165 -18.07 17.12 -5.49
C LEU B 165 -16.98 16.16 -5.96
N PHE B 166 -16.68 15.12 -5.19
CA PHE B 166 -15.57 14.25 -5.54
C PHE B 166 -15.88 13.50 -6.84
N PRO B 167 -14.86 13.22 -7.65
CA PRO B 167 -15.09 12.45 -8.89
C PRO B 167 -15.34 10.98 -8.59
N PRO B 168 -15.94 10.23 -9.51
CA PRO B 168 -16.22 8.81 -9.25
C PRO B 168 -14.94 7.99 -9.19
N ASP B 169 -14.89 7.09 -8.22
CA ASP B 169 -13.70 6.27 -8.00
C ASP B 169 -14.00 4.85 -8.48
N GLU B 170 -13.35 4.47 -9.59
CA GLU B 170 -13.60 3.16 -10.20
C GLU B 170 -13.00 2.01 -9.41
N SER B 171 -12.20 2.30 -8.38
CA SER B 171 -11.65 1.24 -7.55
C SER B 171 -12.59 0.83 -6.42
N ILE B 172 -13.69 1.54 -6.24
CA ILE B 172 -14.55 1.36 -5.09
C ILE B 172 -15.94 0.93 -5.53
N ASP B 173 -16.53 0.02 -4.76
CA ASP B 173 -17.89 -0.48 -4.96
C ASP B 173 -18.66 -0.16 -3.69
N LEU B 174 -19.68 0.69 -3.79
CA LEU B 174 -20.47 1.08 -2.61
C LEU B 174 -21.31 -0.06 -2.03
N TYR B 175 -21.32 -1.24 -2.66
CA TYR B 175 -22.22 -2.30 -2.26
C TYR B 175 -22.00 -2.72 -0.81
N GLN B 176 -20.74 -2.90 -0.40
CA GLN B 176 -20.46 -3.37 0.96
C GLN B 176 -20.95 -2.36 1.99
N VAL B 177 -20.72 -1.07 1.75
CA VAL B 177 -21.22 -0.05 2.68
C VAL B 177 -22.74 -0.12 2.78
N ILE B 178 -23.41 -0.14 1.62
CA ILE B 178 -24.87 -0.17 1.64
C ILE B 178 -25.36 -1.42 2.38
N HIS B 179 -24.71 -2.55 2.13
CA HIS B 179 -25.13 -3.81 2.74
C HIS B 179 -24.94 -3.83 4.25
N LYS B 180 -24.01 -3.04 4.79
CA LYS B 180 -23.77 -3.03 6.23
C LYS B 180 -24.50 -1.91 6.96
N MET B 181 -25.28 -1.10 6.27
CA MET B 181 -26.10 -0.09 6.93
C MET B 181 -27.43 -0.70 7.37
C10 M78 C . 19.97 -2.79 -17.08
C01 M78 C . 20.12 -5.54 -18.95
C02 M78 C . 20.12 -5.37 -17.43
C03 M78 C . 20.18 -6.38 -16.48
C04 M78 C . 20.26 -7.88 -16.76
C06 M78 C . 20.08 -4.49 -15.36
C07 M78 C . 20.03 -3.49 -14.37
C08 M78 C . 19.95 -2.15 -14.74
C09 M78 C . 20.06 -4.16 -16.70
C11 M78 C . 19.93 -1.80 -16.08
C12 M78 C . 19.84 -0.32 -16.47
C14 M78 C . 19.51 2.07 -15.72
N05 M78 C . 20.15 -5.84 -15.28
N13 M78 C . 19.61 0.65 -15.41
O15 M78 C . 19.92 0.02 -17.60
S SO4 D . 2.72 -27.87 1.15
O1 SO4 D . 2.04 -27.99 -0.16
O2 SO4 D . 1.80 -27.19 2.07
O3 SO4 D . 3.11 -29.18 1.67
O4 SO4 D . 3.92 -27.04 0.97
S SO4 E . 15.80 2.81 -11.93
O1 SO4 E . 15.69 3.54 -13.20
O2 SO4 E . 14.58 2.05 -11.68
O3 SO4 E . 16.94 1.90 -12.00
O4 SO4 E . 16.00 3.78 -10.86
C10 M78 F . -1.06 12.61 14.50
C01 M78 F . 0.21 9.93 13.12
C02 M78 F . -1.25 10.29 13.36
C03 M78 F . -2.39 9.55 13.06
C04 M78 F . -2.44 8.18 12.38
C06 M78 F . -3.10 11.40 14.02
C07 M78 F . -3.87 12.46 14.57
C08 M78 F . -3.21 13.58 15.09
C09 M78 F . -1.72 11.48 13.98
C11 M78 F . -1.81 13.64 15.05
C12 M78 F . -1.10 14.88 15.58
C14 M78 F . -1.24 17.28 16.28
N05 M78 F . -3.46 10.22 13.44
N13 M78 F . -1.88 16.06 15.80
O15 M78 F . 0.08 14.89 15.76
S SO4 G . -6.64 10.91 -8.38
O1 SO4 G . -7.87 11.30 -9.05
O2 SO4 G . -6.64 9.46 -8.14
O3 SO4 G . -6.52 11.62 -7.11
O4 SO4 G . -5.48 11.26 -9.19
S SO4 H . -4.64 19.94 14.88
O1 SO4 H . -5.69 20.60 14.11
O2 SO4 H . -5.20 19.01 15.86
O3 SO4 H . -3.75 19.24 13.96
O4 SO4 H . -3.86 20.95 15.61
S SO4 I . -25.08 3.02 -10.27
O1 SO4 I . -25.22 1.84 -11.14
O2 SO4 I . -26.27 3.17 -9.43
O3 SO4 I . -24.95 4.21 -11.12
O4 SO4 I . -23.90 2.90 -9.41
S SO4 J . -12.62 11.29 -14.78
O1 SO4 J . -13.19 10.54 -15.90
O2 SO4 J . -13.31 10.91 -13.55
O3 SO4 J . -11.20 11.02 -14.68
O4 SO4 J . -12.80 12.73 -15.02
#